data_4RFR
#
_entry.id   4RFR
#
_cell.length_a   36.950
_cell.length_b   39.200
_cell.length_c   40.521
_cell.angle_alpha   77.37
_cell.angle_beta   74.67
_cell.angle_gamma   65.47
#
_symmetry.space_group_name_H-M   'P 1'
#
loop_
_entity.id
_entity.type
_entity.pdbx_description
1 polymer 'Alpha-ketoglutarate-dependent dioxygenase AlkB'
2 non-polymer '4,5-dihydroxy-9,10-dioxo-9,10-dihydroanthracene-2-carboxylic acid'
3 non-polymer 'MANGANESE (II) ION'
4 water water
#
_entity_poly.entity_id   1
_entity_poly.type   'polypeptide(L)'
_entity_poly.pdbx_seq_one_letter_code
;PLAAGAVILRRFAFNAAEQLIRDINDVASQSPFRQMVTPGGYTMSVAMTNCGHLGWTTHRQGYLYSPIDPQTNKPWPAMP
QSFHNLCQRAATAAGYPDFQPDACLINRYAPGAKLSLHQDKDEPDLRAPIVSVSLGLPAIFQFGGLKRNDPLKRLLLEHG
DVVVWGGESRLFYHGIQPLKAGFHPLTIDCRYNLTFRQAGKKE
;
_entity_poly.pdbx_strand_id   B
#
loop_
_chem_comp.id
_chem_comp.type
_chem_comp.name
_chem_comp.formula
MN non-polymer 'MANGANESE (II) ION' 'Mn 2'
RHN non-polymer '4,5-dihydroxy-9,10-dioxo-9,10-dihydroanthracene-2-carboxylic acid' 'C15 H8 O6'
#
# COMPACT_ATOMS: atom_id res chain seq x y z
N PRO A 1 17.13 -5.89 14.54
CA PRO A 1 16.20 -5.31 13.58
C PRO A 1 15.00 -4.66 14.27
N LEU A 2 14.48 -3.60 13.66
CA LEU A 2 13.30 -2.92 14.18
C LEU A 2 12.05 -3.82 14.03
N ALA A 3 11.99 -4.54 12.92
CA ALA A 3 10.90 -5.50 12.66
C ALA A 3 11.49 -6.72 11.96
N ALA A 4 11.34 -7.91 12.58
CA ALA A 4 11.94 -9.14 12.07
C ALA A 4 11.44 -9.47 10.67
N GLY A 5 12.36 -9.51 9.71
CA GLY A 5 12.03 -9.79 8.32
C GLY A 5 11.81 -8.54 7.47
N ALA A 6 11.75 -7.38 8.09
CA ALA A 6 11.50 -6.15 7.36
C ALA A 6 12.80 -5.51 6.92
N VAL A 7 12.76 -4.86 5.76
CA VAL A 7 13.92 -4.16 5.21
C VAL A 7 13.46 -2.74 4.87
N ILE A 8 13.94 -1.77 5.64
CA ILE A 8 13.59 -0.38 5.41
C ILE A 8 14.61 0.25 4.46
N LEU A 9 14.11 0.83 3.37
CA LEU A 9 14.94 1.46 2.35
C LEU A 9 14.54 2.94 2.23
N ARG A 10 15.07 3.78 3.12
CA ARG A 10 14.66 5.17 3.12
C ARG A 10 15.09 5.87 1.81
N ARG A 11 14.18 6.68 1.27
CA ARG A 11 14.36 7.45 0.03
C ARG A 11 14.63 6.60 -1.21
N PHE A 12 14.35 5.29 -1.15
CA PHE A 12 14.62 4.41 -2.29
C PHE A 12 13.84 4.82 -3.54
N ALA A 13 12.64 5.34 -3.34
CA ALA A 13 11.78 5.78 -4.44
C ALA A 13 11.79 7.30 -4.65
N PHE A 14 12.73 8.00 -4.04
CA PHE A 14 12.75 9.45 -4.14
C PHE A 14 12.91 9.92 -5.59
N ASN A 15 13.89 9.36 -6.31
CA ASN A 15 14.11 9.77 -7.71
C ASN A 15 12.96 9.36 -8.63
N ALA A 16 12.30 8.25 -8.33
CA ALA A 16 11.18 7.75 -9.15
C ALA A 16 9.85 8.43 -8.85
N ALA A 17 9.80 9.22 -7.78
CA ALA A 17 8.54 9.70 -7.25
C ALA A 17 7.67 10.47 -8.24
N GLU A 18 8.27 11.38 -9.00
CA GLU A 18 7.48 12.18 -9.94
C GLU A 18 6.79 11.29 -10.97
N GLN A 19 7.52 10.32 -11.52
CA GLN A 19 6.93 9.36 -12.44
C GLN A 19 5.86 8.50 -11.76
N LEU A 20 6.15 8.04 -10.55
CA LEU A 20 5.16 7.22 -9.83
C LEU A 20 3.84 7.98 -9.65
N ILE A 21 3.93 9.26 -9.31
CA ILE A 21 2.75 10.08 -9.07
C ILE A 21 1.98 10.31 -10.38
N ARG A 22 2.70 10.53 -11.48
CA ARG A 22 2.07 10.62 -12.80
CA ARG A 22 2.04 10.64 -12.78
C ARG A 22 1.27 9.35 -13.08
N ASP A 23 1.87 8.20 -12.78
CA ASP A 23 1.22 6.93 -13.02
C ASP A 23 0.04 6.68 -12.06
N ILE A 24 0.14 7.12 -10.81
CA ILE A 24 -1.03 7.10 -9.92
C ILE A 24 -2.19 7.86 -10.58
N ASN A 25 -1.92 9.05 -11.11
CA ASN A 25 -2.96 9.84 -11.73
C ASN A 25 -3.55 9.12 -12.95
N ASP A 26 -2.70 8.45 -13.72
CA ASP A 26 -3.16 7.70 -14.88
C ASP A 26 -4.07 6.53 -14.46
N VAL A 27 -3.64 5.80 -13.44
CA VAL A 27 -4.45 4.70 -12.92
C VAL A 27 -5.81 5.22 -12.46
N ALA A 28 -5.78 6.31 -11.68
CA ALA A 28 -7.00 6.87 -11.10
C ALA A 28 -7.95 7.47 -12.14
N SER A 29 -7.41 7.84 -13.30
CA SER A 29 -8.24 8.36 -14.39
C SER A 29 -9.13 7.25 -14.94
N GLN A 30 -8.74 6.00 -14.71
CA GLN A 30 -9.48 4.84 -15.21
C GLN A 30 -10.29 4.19 -14.11
N SER A 31 -9.64 3.87 -12.99
CA SER A 31 -10.30 3.36 -11.78
C SER A 31 -10.16 4.42 -10.71
N PRO A 32 -11.20 5.25 -10.50
CA PRO A 32 -11.04 6.38 -9.59
C PRO A 32 -10.81 6.00 -8.13
N PHE A 33 -10.16 6.89 -7.40
CA PHE A 33 -10.11 6.75 -5.96
C PHE A 33 -11.54 6.70 -5.43
N ARG A 34 -11.77 5.78 -4.49
CA ARG A 34 -13.04 5.72 -3.78
C ARG A 34 -12.79 5.34 -2.33
N GLN A 35 -13.67 5.80 -1.45
CA GLN A 35 -13.63 5.43 -0.05
C GLN A 35 -14.58 4.26 0.15
N MET A 36 -14.01 3.11 0.45
CA MET A 36 -14.76 1.88 0.59
C MET A 36 -15.49 1.82 1.93
N VAL A 37 -16.54 1.03 1.98
CA VAL A 37 -17.30 0.79 3.19
C VAL A 37 -16.85 -0.51 3.81
N THR A 38 -16.57 -0.48 5.11
CA THR A 38 -16.13 -1.67 5.84
C THR A 38 -17.32 -2.61 6.10
N PRO A 39 -17.04 -3.88 6.41
CA PRO A 39 -18.12 -4.80 6.83
C PRO A 39 -18.93 -4.26 8.02
N GLY A 40 -18.31 -3.47 8.89
CA GLY A 40 -19.02 -2.78 9.97
C GLY A 40 -19.91 -1.63 9.53
N GLY A 41 -19.81 -1.23 8.26
CA GLY A 41 -20.70 -0.22 7.70
C GLY A 41 -20.13 1.20 7.69
N TYR A 42 -18.86 1.33 8.02
CA TYR A 42 -18.24 2.65 8.09
C TYR A 42 -17.47 2.96 6.82
N THR A 43 -17.53 4.22 6.41
CA THR A 43 -16.80 4.68 5.24
C THR A 43 -15.37 4.97 5.67
N MET A 44 -14.43 4.30 5.04
CA MET A 44 -13.02 4.51 5.31
C MET A 44 -12.64 5.95 5.00
N SER A 45 -11.72 6.51 5.78
CA SER A 45 -11.21 7.84 5.52
C SER A 45 -10.14 7.84 4.45
N VAL A 46 -9.42 6.72 4.32
CA VAL A 46 -8.47 6.52 3.23
C VAL A 46 -9.24 6.22 1.95
N ALA A 47 -8.85 6.88 0.86
CA ALA A 47 -9.39 6.60 -0.47
C ALA A 47 -8.45 5.66 -1.19
N MET A 48 -9.01 4.76 -2.00
CA MET A 48 -8.24 3.68 -2.59
C MET A 48 -8.55 3.45 -4.05
N THR A 49 -7.57 2.90 -4.74
CA THR A 49 -7.76 2.26 -6.03
C THR A 49 -6.68 1.18 -6.19
N ASN A 50 -6.66 0.50 -7.33
CA ASN A 50 -5.69 -0.57 -7.55
C ASN A 50 -5.24 -0.58 -8.99
N CYS A 51 -4.07 -1.18 -9.21
CA CYS A 51 -3.65 -1.57 -10.54
C CYS A 51 -3.01 -2.95 -10.47
N GLY A 52 -2.86 -3.57 -11.65
CA GLY A 52 -2.40 -4.93 -11.76
C GLY A 52 -3.54 -5.87 -12.12
N HIS A 53 -3.26 -7.17 -12.10
CA HIS A 53 -4.29 -8.15 -12.46
C HIS A 53 -5.40 -8.22 -11.43
N LEU A 54 -5.05 -8.02 -10.16
CA LEU A 54 -6.00 -8.09 -9.06
C LEU A 54 -5.98 -6.80 -8.25
N GLY A 55 -7.10 -6.48 -7.66
CA GLY A 55 -7.25 -5.30 -6.83
C GLY A 55 -8.00 -5.63 -5.57
N TRP A 56 -7.54 -5.08 -4.45
CA TRP A 56 -8.18 -5.25 -3.17
C TRP A 56 -9.45 -4.41 -3.13
N THR A 57 -10.56 -5.02 -2.74
CA THR A 57 -11.84 -4.31 -2.71
C THR A 57 -12.85 -4.98 -1.80
N THR A 58 -13.80 -4.19 -1.33
CA THR A 58 -14.99 -4.72 -0.69
C THR A 58 -15.86 -5.33 -1.77
N HIS A 59 -16.58 -6.37 -1.40
CA HIS A 59 -17.55 -7.02 -2.28
C HIS A 59 -18.44 -7.87 -1.39
N ARG A 60 -19.76 -7.71 -1.51
CA ARG A 60 -20.72 -8.52 -0.75
C ARG A 60 -20.41 -8.59 0.76
N GLN A 61 -20.05 -7.44 1.36
CA GLN A 61 -19.84 -7.34 2.82
C GLN A 61 -18.64 -8.13 3.34
N GLY A 62 -17.69 -8.39 2.43
CA GLY A 62 -16.39 -8.93 2.80
C GLY A 62 -15.33 -8.18 2.02
N TYR A 63 -14.08 -8.57 2.21
CA TYR A 63 -12.97 -8.05 1.41
C TYR A 63 -12.44 -9.18 0.55
N LEU A 64 -11.91 -8.83 -0.61
CA LEU A 64 -11.27 -9.80 -1.47
C LEU A 64 -10.45 -9.12 -2.54
N TYR A 65 -9.69 -9.92 -3.26
CA TYR A 65 -9.02 -9.48 -4.47
C TYR A 65 -9.86 -9.90 -5.66
N SER A 66 -10.09 -8.96 -6.56
CA SER A 66 -10.91 -9.18 -7.75
C SER A 66 -10.18 -8.68 -8.99
N PRO A 67 -10.34 -9.38 -10.12
CA PRO A 67 -9.79 -8.89 -11.37
C PRO A 67 -10.56 -7.70 -11.95
N ILE A 68 -11.77 -7.46 -11.44
CA ILE A 68 -12.65 -6.42 -11.94
C ILE A 68 -12.90 -5.37 -10.87
N ASP A 69 -12.82 -4.11 -11.28
CA ASP A 69 -13.16 -2.99 -10.39
C ASP A 69 -14.69 -2.89 -10.30
N PRO A 70 -15.26 -3.10 -9.10
CA PRO A 70 -16.74 -3.06 -9.03
C PRO A 70 -17.36 -1.70 -9.33
N GLN A 71 -16.58 -0.62 -9.28
CA GLN A 71 -17.10 0.70 -9.59
C GLN A 71 -17.23 0.94 -11.10
N THR A 72 -16.30 0.38 -11.87
CA THR A 72 -16.32 0.56 -13.32
C THR A 72 -16.82 -0.65 -14.09
N ASN A 73 -16.84 -1.80 -13.44
CA ASN A 73 -17.10 -3.08 -14.09
C ASN A 73 -16.09 -3.44 -15.19
N LYS A 74 -14.91 -2.83 -15.12
CA LYS A 74 -13.81 -3.11 -16.03
C LYS A 74 -12.61 -3.61 -15.22
N PRO A 75 -11.66 -4.26 -15.89
CA PRO A 75 -10.43 -4.63 -15.18
C PRO A 75 -9.77 -3.42 -14.54
N TRP A 76 -9.08 -3.64 -13.43
CA TRP A 76 -8.19 -2.60 -12.89
C TRP A 76 -7.17 -2.27 -13.98
N PRO A 77 -6.66 -1.02 -13.98
CA PRO A 77 -5.61 -0.70 -14.95
C PRO A 77 -4.39 -1.58 -14.78
N ALA A 78 -3.67 -1.80 -15.88
CA ALA A 78 -2.47 -2.62 -15.85
C ALA A 78 -1.42 -1.95 -14.95
N MET A 79 -0.54 -2.77 -14.38
CA MET A 79 0.55 -2.29 -13.56
CA MET A 79 0.51 -2.22 -13.54
C MET A 79 1.48 -1.39 -14.38
N PRO A 80 1.64 -0.10 -13.99
CA PRO A 80 2.61 0.75 -14.72
C PRO A 80 4.05 0.20 -14.66
N GLN A 81 4.82 0.46 -15.71
CA GLN A 81 6.24 0.10 -15.72
C GLN A 81 6.98 0.67 -14.50
N SER A 82 6.74 1.94 -14.19
CA SER A 82 7.45 2.58 -13.08
C SER A 82 7.21 1.80 -11.78
N PHE A 83 5.96 1.36 -11.59
CA PHE A 83 5.58 0.59 -10.41
C PHE A 83 6.30 -0.76 -10.39
N HIS A 84 6.17 -1.49 -11.51
CA HIS A 84 6.76 -2.81 -11.64
C HIS A 84 8.26 -2.80 -11.37
N ASN A 85 8.95 -1.85 -12.00
CA ASN A 85 10.40 -1.79 -11.94
C ASN A 85 10.89 -1.38 -10.56
N LEU A 86 10.23 -0.38 -9.96
CA LEU A 86 10.60 0.08 -8.61
C LEU A 86 10.43 -1.07 -7.61
N CYS A 87 9.28 -1.73 -7.68
CA CYS A 87 9.01 -2.84 -6.77
C CYS A 87 10.06 -3.93 -6.91
N GLN A 88 10.38 -4.31 -8.14
CA GLN A 88 11.35 -5.36 -8.35
C GLN A 88 12.74 -5.00 -7.83
N ARG A 89 13.15 -3.75 -8.02
CA ARG A 89 14.44 -3.31 -7.51
C ARG A 89 14.47 -3.40 -5.99
N ALA A 90 13.40 -2.94 -5.35
CA ALA A 90 13.34 -2.96 -3.90
C ALA A 90 13.32 -4.38 -3.37
N ALA A 91 12.45 -5.22 -3.93
CA ALA A 91 12.32 -6.60 -3.47
C ALA A 91 13.64 -7.36 -3.65
N THR A 92 14.29 -7.16 -4.80
CA THR A 92 15.56 -7.81 -5.07
C THR A 92 16.64 -7.37 -4.08
N ALA A 93 16.74 -6.07 -3.82
CA ALA A 93 17.69 -5.54 -2.83
C ALA A 93 17.47 -6.17 -1.45
N ALA A 94 16.22 -6.38 -1.10
CA ALA A 94 15.83 -6.94 0.21
C ALA A 94 15.88 -8.47 0.30
N GLY A 95 16.25 -9.16 -0.78
CA GLY A 95 16.42 -10.61 -0.76
C GLY A 95 15.24 -11.43 -1.24
N TYR A 96 14.35 -10.80 -1.99
CA TYR A 96 13.16 -11.44 -2.56
C TYR A 96 13.15 -11.27 -4.08
N PRO A 97 14.14 -11.89 -4.77
CA PRO A 97 14.28 -11.65 -6.19
C PRO A 97 13.17 -12.22 -7.07
N ASP A 98 12.39 -13.16 -6.53
CA ASP A 98 11.31 -13.79 -7.28
C ASP A 98 9.94 -13.20 -7.03
N PHE A 99 9.88 -12.15 -6.19
CA PHE A 99 8.61 -11.51 -5.87
C PHE A 99 7.97 -10.97 -7.14
N GLN A 100 6.75 -11.42 -7.40
CA GLN A 100 6.04 -11.06 -8.63
C GLN A 100 4.64 -10.62 -8.26
N PRO A 101 4.50 -9.35 -7.82
CA PRO A 101 3.18 -8.91 -7.40
C PRO A 101 2.22 -8.86 -8.57
N ASP A 102 0.97 -9.20 -8.30
CA ASP A 102 -0.10 -9.11 -9.28
C ASP A 102 -1.18 -8.12 -8.85
N ALA A 103 -0.91 -7.37 -7.77
CA ALA A 103 -1.84 -6.38 -7.23
C ALA A 103 -1.03 -5.25 -6.63
N CYS A 104 -1.47 -4.02 -6.87
CA CYS A 104 -0.92 -2.88 -6.17
C CYS A 104 -2.07 -2.04 -5.67
N LEU A 105 -2.22 -1.96 -4.35
CA LEU A 105 -3.23 -1.13 -3.73
C LEU A 105 -2.65 0.27 -3.57
N ILE A 106 -3.39 1.27 -4.04
CA ILE A 106 -2.96 2.66 -3.97
C ILE A 106 -3.87 3.37 -2.96
N ASN A 107 -3.29 3.77 -1.83
CA ASN A 107 -4.00 4.45 -0.75
C ASN A 107 -3.70 5.94 -0.81
N ARG A 108 -4.72 6.77 -0.69
CA ARG A 108 -4.56 8.22 -0.66
C ARG A 108 -5.09 8.75 0.67
N TYR A 109 -4.25 9.51 1.36
CA TYR A 109 -4.58 10.11 2.63
C TYR A 109 -4.70 11.64 2.49
N ALA A 110 -5.90 12.14 2.75
CA ALA A 110 -6.11 13.55 2.99
C ALA A 110 -5.79 13.84 4.46
N PRO A 111 -5.59 15.11 4.81
CA PRO A 111 -5.38 15.42 6.23
C PRO A 111 -6.46 14.79 7.11
N GLY A 112 -6.04 14.16 8.20
CA GLY A 112 -6.94 13.52 9.13
C GLY A 112 -7.27 12.07 8.84
N ALA A 113 -6.98 11.62 7.62
CA ALA A 113 -7.26 10.23 7.26
C ALA A 113 -6.32 9.29 8.00
N LYS A 114 -6.81 8.09 8.29
CA LYS A 114 -6.09 7.11 9.07
C LYS A 114 -6.45 5.73 8.58
N LEU A 115 -5.66 4.74 8.97
CA LEU A 115 -5.92 3.35 8.66
C LEU A 115 -5.85 2.57 9.95
N SER A 116 -6.97 1.99 10.35
CA SER A 116 -7.05 1.30 11.63
CA SER A 116 -7.05 1.30 11.63
C SER A 116 -6.19 0.04 11.62
N LEU A 117 -5.71 -0.34 12.80
CA LEU A 117 -4.83 -1.49 12.96
C LEU A 117 -5.46 -2.76 12.41
N HIS A 118 -4.70 -3.49 11.60
CA HIS A 118 -5.19 -4.71 10.97
C HIS A 118 -4.03 -5.55 10.46
N GLN A 119 -4.33 -6.79 10.07
CA GLN A 119 -3.40 -7.67 9.39
C GLN A 119 -3.86 -7.92 7.96
N ASP A 120 -2.91 -8.25 7.11
CA ASP A 120 -3.22 -8.77 5.79
C ASP A 120 -2.81 -10.23 5.76
N LYS A 121 -3.79 -11.12 5.90
CA LYS A 121 -3.49 -12.54 5.99
C LYS A 121 -4.39 -13.40 5.12
N ASP A 122 -5.06 -12.78 4.14
CA ASP A 122 -5.98 -13.52 3.26
C ASP A 122 -5.35 -13.91 1.93
N GLU A 123 -4.12 -13.47 1.69
CA GLU A 123 -3.41 -13.83 0.46
C GLU A 123 -3.05 -15.31 0.52
N PRO A 124 -3.17 -16.03 -0.62
CA PRO A 124 -2.83 -17.47 -0.63
C PRO A 124 -1.43 -17.82 -0.14
N ASP A 125 -0.44 -16.99 -0.48
CA ASP A 125 0.93 -17.27 -0.12
C ASP A 125 1.50 -16.19 0.80
N LEU A 126 1.45 -16.47 2.11
CA LEU A 126 1.91 -15.50 3.10
C LEU A 126 3.43 -15.46 3.24
N ARG A 127 4.15 -16.27 2.44
CA ARG A 127 5.61 -16.18 2.36
CA ARG A 127 5.61 -16.20 2.35
C ARG A 127 6.06 -15.05 1.45
N ALA A 128 5.16 -14.58 0.59
CA ALA A 128 5.49 -13.47 -0.31
C ALA A 128 5.44 -12.16 0.48
N PRO A 129 6.48 -11.31 0.34
CA PRO A 129 6.50 -10.06 1.10
C PRO A 129 5.48 -9.06 0.57
N ILE A 130 5.30 -7.97 1.30
CA ILE A 130 4.60 -6.82 0.76
C ILE A 130 5.62 -5.70 0.64
N VAL A 131 5.60 -5.01 -0.50
CA VAL A 131 6.47 -3.85 -0.70
C VAL A 131 5.63 -2.60 -0.62
N SER A 132 6.00 -1.69 0.29
CA SER A 132 5.24 -0.50 0.63
C SER A 132 6.03 0.74 0.27
N VAL A 133 5.44 1.62 -0.54
CA VAL A 133 6.11 2.82 -1.05
C VAL A 133 5.32 4.06 -0.63
N SER A 134 6.00 4.98 0.05
CA SER A 134 5.36 6.19 0.56
C SER A 134 5.72 7.38 -0.30
N LEU A 135 4.72 8.23 -0.56
CA LEU A 135 4.89 9.41 -1.40
C LEU A 135 4.10 10.58 -0.79
N GLY A 136 4.70 11.75 -0.79
CA GLY A 136 4.03 12.96 -0.35
C GLY A 136 4.26 13.23 1.12
N LEU A 137 3.18 13.63 1.81
CA LEU A 137 3.27 14.03 3.21
C LEU A 137 3.66 12.86 4.11
N PRO A 138 4.39 13.14 5.19
CA PRO A 138 4.82 12.08 6.09
C PRO A 138 3.69 11.53 6.94
N ALA A 139 3.81 10.27 7.32
CA ALA A 139 2.80 9.62 8.16
C ALA A 139 3.48 8.77 9.22
N ILE A 140 2.80 8.62 10.37
CA ILE A 140 3.26 7.73 11.42
C ILE A 140 2.63 6.37 11.20
N PHE A 141 3.50 5.40 10.88
CA PHE A 141 3.13 4.02 10.69
C PHE A 141 3.28 3.29 12.01
N GLN A 142 2.23 2.60 12.43
CA GLN A 142 2.29 1.84 13.66
C GLN A 142 2.27 0.36 13.30
N PHE A 143 3.08 -0.41 14.02
CA PHE A 143 3.11 -1.84 13.80
C PHE A 143 3.39 -2.56 15.10
N GLY A 144 2.74 -3.71 15.25
CA GLY A 144 2.94 -4.52 16.43
C GLY A 144 3.55 -5.86 16.04
N GLY A 145 2.82 -6.92 16.35
CA GLY A 145 3.28 -8.26 16.10
C GLY A 145 2.17 -9.11 15.51
N LEU A 146 2.29 -10.42 15.72
CA LEU A 146 1.36 -11.39 15.16
C LEU A 146 0.02 -11.43 15.91
N LYS A 147 0.01 -10.92 17.15
CA LYS A 147 -1.21 -10.84 17.94
C LYS A 147 -1.63 -9.39 18.09
N ARG A 148 -2.94 -9.16 18.12
CA ARG A 148 -3.53 -7.82 18.19
C ARG A 148 -2.97 -7.00 19.34
N ASN A 149 -2.71 -7.67 20.46
CA ASN A 149 -2.26 -7.01 21.68
C ASN A 149 -0.73 -6.90 21.85
N ASP A 150 0.04 -7.33 20.84
CA ASP A 150 1.49 -7.20 20.92
C ASP A 150 1.86 -5.72 20.98
N PRO A 151 2.98 -5.37 21.63
CA PRO A 151 3.33 -3.96 21.78
C PRO A 151 3.50 -3.23 20.44
N LEU A 152 2.94 -2.03 20.35
CA LEU A 152 3.06 -1.23 19.15
C LEU A 152 4.36 -0.44 19.12
N LYS A 153 4.94 -0.36 17.93
CA LYS A 153 6.08 0.49 17.62
C LYS A 153 5.61 1.46 16.55
N ARG A 154 6.33 2.59 16.42
CA ARG A 154 5.95 3.64 15.50
C ARG A 154 7.17 4.09 14.73
N LEU A 155 6.95 4.38 13.45
CA LEU A 155 7.99 4.83 12.54
C LEU A 155 7.40 5.86 11.60
N LEU A 156 8.07 7.00 11.46
CA LEU A 156 7.69 7.98 10.44
C LEU A 156 8.10 7.47 9.06
N LEU A 157 7.15 7.47 8.12
CA LEU A 157 7.42 7.13 6.73
C LEU A 157 7.30 8.40 5.94
N GLU A 158 8.37 8.73 5.23
CA GLU A 158 8.44 9.96 4.47
C GLU A 158 8.52 9.72 2.97
N HIS A 159 8.36 10.80 2.22
CA HIS A 159 8.40 10.77 0.77
C HIS A 159 9.58 9.98 0.21
N GLY A 160 9.26 8.96 -0.59
CA GLY A 160 10.26 8.12 -1.23
C GLY A 160 10.68 6.90 -0.44
N ASP A 161 10.25 6.79 0.80
CA ASP A 161 10.60 5.63 1.61
C ASP A 161 9.93 4.37 1.10
N VAL A 162 10.69 3.28 1.07
CA VAL A 162 10.17 1.97 0.71
C VAL A 162 10.48 1.00 1.84
N VAL A 163 9.52 0.15 2.20
CA VAL A 163 9.79 -0.91 3.14
C VAL A 163 9.35 -2.23 2.51
N VAL A 164 10.23 -3.22 2.59
CA VAL A 164 9.90 -4.57 2.17
C VAL A 164 9.61 -5.37 3.44
N TRP A 165 8.35 -5.78 3.59
CA TRP A 165 7.87 -6.46 4.77
C TRP A 165 7.82 -7.95 4.47
N GLY A 166 8.89 -8.65 4.85
CA GLY A 166 8.98 -10.08 4.67
C GLY A 166 9.08 -10.83 5.98
N GLY A 167 9.26 -12.15 5.90
CA GLY A 167 9.35 -12.98 7.09
C GLY A 167 8.18 -12.74 8.01
N GLU A 168 8.47 -12.65 9.30
CA GLU A 168 7.42 -12.48 10.30
C GLU A 168 6.67 -11.17 10.13
N SER A 169 7.40 -10.11 9.77
CA SER A 169 6.82 -8.76 9.68
C SER A 169 5.67 -8.67 8.68
N ARG A 170 5.70 -9.55 7.68
CA ARG A 170 4.63 -9.67 6.68
C ARG A 170 3.25 -9.82 7.32
N LEU A 171 3.21 -10.42 8.51
CA LEU A 171 1.95 -10.68 9.20
C LEU A 171 1.72 -9.81 10.44
N PHE A 172 2.53 -8.78 10.63
CA PHE A 172 2.31 -7.86 11.73
C PHE A 172 1.01 -7.09 11.56
N TYR A 173 0.35 -6.83 12.69
CA TYR A 173 -0.70 -5.82 12.73
C TYR A 173 -0.06 -4.47 12.46
N HIS A 174 -0.76 -3.64 11.69
CA HIS A 174 -0.22 -2.35 11.29
C HIS A 174 -1.33 -1.37 10.99
N GLY A 175 -0.98 -0.09 11.00
CA GLY A 175 -1.92 0.98 10.69
C GLY A 175 -1.19 2.28 10.47
N ILE A 176 -1.97 3.31 10.15
CA ILE A 176 -1.45 4.66 9.92
C ILE A 176 -2.26 5.63 10.76
N GLN A 177 -1.56 6.47 11.50
CA GLN A 177 -2.18 7.44 12.39
C GLN A 177 -2.69 8.64 11.59
N PRO A 178 -3.69 9.36 12.12
CA PRO A 178 -4.29 10.46 11.38
C PRO A 178 -3.27 11.41 10.74
N LEU A 179 -3.40 11.61 9.44
CA LEU A 179 -2.39 12.35 8.69
C LEU A 179 -2.38 13.83 9.08
N LYS A 180 -1.20 14.33 9.44
CA LYS A 180 -1.03 15.74 9.73
C LYS A 180 -1.10 16.53 8.43
N ALA A 181 -1.79 17.66 8.45
CA ALA A 181 -1.88 18.53 7.28
C ALA A 181 -0.51 19.16 7.01
N GLY A 182 -0.25 19.45 5.74
CA GLY A 182 0.99 20.08 5.36
C GLY A 182 1.04 20.30 3.87
N PHE A 183 2.24 20.59 3.38
CA PHE A 183 2.46 20.81 1.97
C PHE A 183 3.60 19.91 1.50
N HIS A 184 3.42 19.31 0.33
CA HIS A 184 4.50 18.61 -0.35
C HIS A 184 4.50 19.08 -1.80
N PRO A 185 5.67 19.41 -2.36
CA PRO A 185 5.64 20.02 -3.70
C PRO A 185 5.14 19.12 -4.83
N LEU A 186 5.19 17.81 -4.66
CA LEU A 186 4.74 16.87 -5.68
C LEU A 186 3.31 16.37 -5.50
N THR A 187 2.84 16.24 -4.26
CA THR A 187 1.48 15.75 -4.00
C THR A 187 0.52 16.81 -3.46
N ILE A 188 1.05 18.00 -3.20
CA ILE A 188 0.33 19.15 -2.66
C ILE A 188 -0.08 18.94 -1.20
N ASP A 189 -1.16 18.20 -0.96
CA ASP A 189 -1.78 18.14 0.37
C ASP A 189 -2.12 16.73 0.83
N CYS A 190 -1.54 15.73 0.19
N CYS A 190 -1.52 15.74 0.17
CA CYS A 190 -1.86 14.37 0.55
CA CYS A 190 -1.86 14.34 0.37
C CYS A 190 -0.64 13.47 0.58
C CYS A 190 -0.63 13.48 0.57
N ARG A 191 -0.87 12.27 1.10
CA ARG A 191 0.10 11.19 1.07
C ARG A 191 -0.50 10.09 0.21
N TYR A 192 0.34 9.45 -0.59
CA TYR A 192 -0.01 8.21 -1.26
C TYR A 192 0.85 7.09 -0.73
N ASN A 193 0.29 5.88 -0.68
CA ASN A 193 1.07 4.70 -0.39
C ASN A 193 0.72 3.61 -1.39
N LEU A 194 1.74 2.98 -1.94
CA LEU A 194 1.58 1.82 -2.81
C LEU A 194 1.93 0.58 -2.02
N THR A 195 1.05 -0.42 -2.00
CA THR A 195 1.43 -1.73 -1.44
C THR A 195 1.28 -2.81 -2.51
N PHE A 196 2.42 -3.36 -2.90
CA PHE A 196 2.51 -4.43 -3.87
C PHE A 196 2.35 -5.77 -3.17
N ARG A 197 1.45 -6.60 -3.71
CA ARG A 197 1.10 -7.89 -3.13
C ARG A 197 1.06 -8.97 -4.20
N GLN A 198 1.45 -10.19 -3.80
CA GLN A 198 1.13 -11.40 -4.54
C GLN A 198 -0.17 -11.90 -3.98
N ALA A 199 -1.26 -11.68 -4.70
CA ALA A 199 -2.59 -12.02 -4.23
C ALA A 199 -3.18 -13.24 -4.93
N GLY A 200 -2.64 -13.62 -6.08
CA GLY A 200 -3.08 -14.79 -6.83
C GLY A 200 -2.54 -16.09 -6.23
N LYS A 201 -3.01 -17.20 -6.76
CA LYS A 201 -2.66 -18.53 -6.24
C LYS A 201 -1.17 -18.81 -6.37
OAA RHN B . 0.63 3.25 4.33
OAB RHN B . 3.40 -0.92 5.04
OAC RHN B . -1.00 -3.98 4.36
OAD RHN B . -1.36 3.03 3.54
OAE RHN B . 0.18 -6.02 5.10
OAF RHN B . -2.48 -1.77 4.39
CAG RHN B . 3.36 -4.89 6.44
CAH RHN B . 2.31 -5.71 6.08
CAI RHN B . 3.31 -3.52 6.13
CAJ RHN B . -1.35 0.26 4.20
CAK RHN B . 1.00 0.40 4.53
CAL RHN B . -0.33 2.52 4.02
CAM RHN B . -0.21 1.02 4.23
CAN RHN B . 1.22 -5.19 5.40
CAO RHN B . -1.30 -1.12 4.32
CAP RHN B . 2.23 -1.64 5.06
CAQ RHN B . 0.10 -3.20 4.48
CAR RHN B . 2.25 -3.00 5.40
CAS RHN B . 1.05 -0.99 4.73
CAT RHN B . 1.15 -3.81 5.16
CAU RHN B . -0.09 -1.78 4.53
MN MN C . -2.76 -3.62 5.30
#